data_1RR2
#
_entry.id   1RR2
#
_cell.length_a   96.172
_cell.length_b   146.134
_cell.length_c   78.701
_cell.angle_alpha   90.00
_cell.angle_beta   90.00
_cell.angle_gamma   90.00
#
_symmetry.space_group_name_H-M   'C 2 2 21'
#
loop_
_entity.id
_entity.type
_entity.pdbx_description
1 polymer 'transcarboxylase 5S subunit'
2 non-polymer 'COBALT (II) ION'
3 non-polymer '2-KETOBUTYRIC ACID'
4 water water
#
_entity_poly.entity_id   1
_entity_poly.type   'polypeptide(L)'
_entity_poly.pdbx_seq_one_letter_code
;MAISRELVDPNSSPREIEVSEPREVGITELVLRDAHQSLMATRMAMEDMVGACADIDAAGYWSVECWGGATYDSCIRFLN
EDPWERLRTFRKLMPNSRLQMLLRGQNLLGYRHYNDEVVDRFVDKSAENGMDVFRVFDAMNDPRNMAHAMAAVKKAGKHA
QGTICYTISPVHTVEGYVKLAGQLLDMGADSIAL(KCX)DMAALLKPQPAYDIIKAIKDTYGQKTQINLHCHSTTGVTEV
SLMKAIEAGVDVVDTAISSMSLGPGHNPTESVAEMLEGTGYTTNLDYDRLHKIRDHFKAIRPKYKKFESKTLVDTSIFKS
QIPGGMLSNMESQLRAQGAEDKMDEVMAEVPRVRKAAGFPPLVTPSSQIVGTQAVFNVMMGEYKRMTGEFADIMLGYYGA
SPADRDPKVVKLAEEQSGKKPITQRPADLLPPEWEKQSKEAATLKGFNGTDEDVLTYALFPQVAPVFFEHRAEGPHSVAL
TDAQLKAEAEGDEKSLAVAGPVTYNVNVGGTVREVTVQQATRASQPELAPEDPEDLEHHHHHH
;
_entity_poly.pdbx_strand_id   A
#
# COMPACT_ATOMS: atom_id res chain seq x y z
N PRO A 14 31.02 -24.08 15.90
CA PRO A 14 31.44 -23.23 14.74
C PRO A 14 30.19 -22.74 14.02
N ARG A 15 29.58 -21.72 14.63
CA ARG A 15 28.31 -21.12 14.18
C ARG A 15 28.43 -20.48 12.80
N GLU A 16 27.50 -20.84 11.91
CA GLU A 16 27.50 -20.32 10.54
C GLU A 16 26.10 -20.01 10.07
N ILE A 17 26.01 -19.22 9.00
CA ILE A 17 24.72 -18.87 8.41
C ILE A 17 24.81 -19.12 6.91
N GLU A 18 23.88 -19.89 6.38
CA GLU A 18 23.90 -20.15 4.93
C GLU A 18 23.38 -18.92 4.19
N VAL A 19 24.10 -18.49 3.15
CA VAL A 19 23.63 -17.33 2.38
C VAL A 19 23.53 -17.71 0.92
N SER A 20 22.71 -16.98 0.17
CA SER A 20 22.51 -17.27 -1.26
C SER A 20 23.79 -17.01 -2.02
N GLU A 21 23.93 -17.68 -3.16
CA GLU A 21 25.11 -17.56 -4.02
C GLU A 21 25.19 -16.14 -4.58
N PRO A 22 26.40 -15.70 -4.99
CA PRO A 22 26.61 -14.38 -5.56
C PRO A 22 25.60 -14.19 -6.67
N ARG A 23 25.01 -13.02 -6.77
CA ARG A 23 23.99 -12.83 -7.82
C ARG A 23 23.58 -11.38 -7.82
N GLU A 24 22.84 -11.04 -8.86
CA GLU A 24 22.34 -9.67 -9.03
C GLU A 24 20.99 -9.55 -8.30
N VAL A 25 20.80 -8.48 -7.53
CA VAL A 25 19.54 -8.25 -6.82
C VAL A 25 18.79 -7.13 -7.54
N GLY A 26 17.52 -7.33 -7.84
CA GLY A 26 16.74 -6.31 -8.54
C GLY A 26 16.26 -5.22 -7.59
N ILE A 27 16.07 -4.01 -8.10
CA ILE A 27 15.61 -2.89 -7.26
C ILE A 27 14.38 -2.24 -7.87
N THR A 28 13.36 -2.03 -7.04
CA THR A 28 12.15 -1.33 -7.47
C THR A 28 12.16 0.05 -6.82
N GLU A 29 12.16 1.10 -7.65
CA GLU A 29 12.17 2.50 -7.19
C GLU A 29 10.74 2.94 -6.86
N LEU A 30 10.57 3.56 -5.70
CA LEU A 30 9.25 3.98 -5.22
C LEU A 30 9.08 5.51 -5.24
N VAL A 31 10.08 6.27 -5.70
CA VAL A 31 10.00 7.74 -5.62
C VAL A 31 8.74 8.30 -6.28
N LEU A 32 8.25 7.68 -7.36
CA LEU A 32 7.09 8.23 -8.07
C LEU A 32 5.76 7.86 -7.41
N ARG A 33 5.74 7.02 -6.37
CA ARG A 33 4.42 6.71 -5.79
C ARG A 33 4.52 6.62 -4.26
N ASP A 34 4.97 5.48 -3.72
CA ASP A 34 4.99 5.30 -2.26
C ASP A 34 5.88 6.34 -1.51
N ALA A 35 7.01 6.75 -2.07
CA ALA A 35 7.85 7.70 -1.34
C ALA A 35 7.08 8.99 -1.00
N HIS A 36 6.43 9.62 -1.98
CA HIS A 36 5.74 10.87 -1.66
C HIS A 36 4.41 10.60 -0.97
N GLN A 37 3.86 9.41 -1.16
CA GLN A 37 2.61 9.11 -0.44
C GLN A 37 2.94 9.07 1.05
N SER A 38 4.08 8.44 1.36
CA SER A 38 4.52 8.21 2.74
C SER A 38 5.15 9.46 3.37
N LEU A 39 5.84 10.29 2.60
CA LEU A 39 6.55 11.43 3.19
C LEU A 39 5.83 12.77 3.05
N MET A 40 5.02 12.99 2.01
CA MET A 40 4.35 14.29 1.90
C MET A 40 2.89 14.16 1.47
N ALA A 41 2.20 13.19 2.08
CA ALA A 41 0.76 12.96 1.91
C ALA A 41 0.33 12.85 0.44
N THR A 42 1.14 12.20 -0.40
CA THR A 42 0.80 11.95 -1.80
C THR A 42 0.54 13.25 -2.56
N ARG A 43 1.07 14.37 -2.09
CA ARG A 43 0.80 15.66 -2.75
C ARG A 43 1.79 15.97 -3.87
N MET A 44 2.71 15.07 -4.19
CA MET A 44 3.70 15.34 -5.24
C MET A 44 3.00 15.64 -6.58
N ALA A 45 3.28 16.82 -7.12
CA ALA A 45 2.67 17.25 -8.39
C ALA A 45 3.36 16.56 -9.56
N MET A 46 2.60 16.28 -10.60
CA MET A 46 3.15 15.62 -11.79
C MET A 46 4.26 16.47 -12.41
N GLU A 47 4.11 17.80 -12.44
CA GLU A 47 5.16 18.61 -13.09
C GLU A 47 6.47 18.55 -12.31
N ASP A 48 6.41 18.11 -11.06
CA ASP A 48 7.62 17.99 -10.24
C ASP A 48 8.28 16.62 -10.43
N MET A 49 7.63 15.71 -11.15
CA MET A 49 8.19 14.36 -11.31
C MET A 49 8.68 14.08 -12.74
N VAL A 50 7.97 14.58 -13.76
CA VAL A 50 8.31 14.26 -15.15
C VAL A 50 9.76 14.57 -15.50
N GLY A 51 10.37 15.54 -14.84
CA GLY A 51 11.75 15.86 -15.16
C GLY A 51 12.76 14.77 -14.84
N ALA A 52 12.37 13.78 -14.02
CA ALA A 52 13.32 12.72 -13.63
C ALA A 52 13.00 11.42 -14.36
N CYS A 53 11.95 11.41 -15.17
CA CYS A 53 11.55 10.17 -15.82
C CYS A 53 12.62 9.60 -16.74
N ALA A 54 13.27 10.42 -17.55
CA ALA A 54 14.28 9.88 -18.47
C ALA A 54 15.41 9.20 -17.68
N ASP A 55 15.87 9.82 -16.60
CA ASP A 55 16.95 9.21 -15.80
C ASP A 55 16.46 7.97 -15.08
N ILE A 56 15.22 8.02 -14.57
CA ILE A 56 14.65 6.86 -13.86
C ILE A 56 14.55 5.68 -14.82
N ASP A 57 14.16 5.97 -16.05
CA ASP A 57 13.95 4.94 -17.09
C ASP A 57 15.29 4.31 -17.50
N ALA A 58 16.39 5.03 -17.33
CA ALA A 58 17.70 4.48 -17.74
C ALA A 58 18.54 4.10 -16.51
N ALA A 59 17.96 4.07 -15.32
CA ALA A 59 18.74 3.78 -14.11
C ALA A 59 19.08 2.29 -13.98
N GLY A 60 18.19 1.40 -14.41
CA GLY A 60 18.46 -0.03 -14.30
C GLY A 60 17.57 -0.76 -13.30
N TYR A 61 16.45 -0.13 -12.94
CA TYR A 61 15.50 -0.69 -11.97
C TYR A 61 14.76 -1.88 -12.54
N TRP A 62 14.34 -2.79 -11.66
CA TRP A 62 13.54 -3.94 -12.09
C TRP A 62 12.15 -3.42 -12.49
N SER A 63 11.63 -2.49 -11.69
CA SER A 63 10.33 -1.87 -11.97
C SER A 63 10.30 -0.49 -11.36
N VAL A 64 9.32 0.30 -11.80
CA VAL A 64 9.15 1.68 -11.32
C VAL A 64 7.73 1.81 -10.79
N GLU A 65 7.59 1.86 -9.46
CA GLU A 65 6.23 1.98 -8.91
C GLU A 65 5.80 3.42 -9.14
N CYS A 66 4.72 3.63 -9.88
CA CYS A 66 4.34 5.01 -10.21
C CYS A 66 2.84 5.21 -10.26
N TRP A 67 2.04 4.26 -9.79
CA TRP A 67 0.59 4.45 -9.87
C TRP A 67 -0.09 3.63 -8.79
N GLY A 68 -1.38 3.88 -8.59
CA GLY A 68 -2.10 3.13 -7.57
C GLY A 68 -1.89 3.68 -6.18
N GLY A 69 -2.26 2.91 -5.17
CA GLY A 69 -2.13 3.39 -3.81
C GLY A 69 -3.10 4.55 -3.66
N ALA A 70 -2.69 5.60 -2.97
CA ALA A 70 -3.57 6.75 -2.75
C ALA A 70 -3.37 7.83 -3.82
N THR A 71 -2.57 7.57 -4.85
CA THR A 71 -2.32 8.60 -5.87
C THR A 71 -3.58 8.86 -6.70
N TYR A 72 -4.41 7.85 -6.93
CA TYR A 72 -5.64 8.07 -7.71
C TYR A 72 -6.50 9.12 -6.98
N ASP A 73 -6.75 8.85 -5.70
CA ASP A 73 -7.54 9.76 -4.87
C ASP A 73 -6.91 11.17 -4.87
N SER A 74 -5.62 11.24 -4.57
CA SER A 74 -4.93 12.53 -4.49
C SER A 74 -5.00 13.30 -5.81
N CYS A 75 -4.87 12.60 -6.91
CA CYS A 75 -4.91 13.26 -8.23
C CYS A 75 -6.24 13.99 -8.42
N ILE A 76 -7.35 13.30 -8.15
CA ILE A 76 -8.65 13.92 -8.42
C ILE A 76 -9.12 14.80 -7.27
N ARG A 77 -8.73 14.49 -6.04
CA ARG A 77 -9.23 15.25 -4.90
C ARG A 77 -8.38 16.49 -4.59
N PHE A 78 -7.07 16.45 -4.85
CA PHE A 78 -6.23 17.60 -4.44
C PHE A 78 -5.49 18.25 -5.59
N LEU A 79 -5.17 17.52 -6.65
CA LEU A 79 -4.36 18.12 -7.71
C LEU A 79 -5.14 18.37 -8.99
N ASN A 80 -6.47 18.17 -8.97
CA ASN A 80 -7.28 18.38 -10.16
C ASN A 80 -6.59 17.73 -11.35
N GLU A 81 -6.11 16.52 -11.14
CA GLU A 81 -5.37 15.81 -12.19
C GLU A 81 -6.03 14.48 -12.48
N ASP A 82 -6.08 14.11 -13.76
CA ASP A 82 -6.67 12.82 -14.16
C ASP A 82 -5.61 11.73 -14.00
N PRO A 83 -5.84 10.77 -13.10
CA PRO A 83 -4.95 9.65 -12.80
C PRO A 83 -4.55 8.90 -14.07
N TRP A 84 -5.52 8.72 -14.96
CA TRP A 84 -5.26 8.00 -16.21
C TRP A 84 -4.29 8.81 -17.09
N GLU A 85 -4.37 10.13 -17.02
CA GLU A 85 -3.42 10.90 -17.84
C GLU A 85 -2.03 10.77 -17.21
N ARG A 86 -1.96 10.69 -15.89
CA ARG A 86 -0.65 10.53 -15.23
C ARG A 86 -0.03 9.20 -15.68
N LEU A 87 -0.84 8.15 -15.74
CA LEU A 87 -0.35 6.83 -16.17
C LEU A 87 0.17 6.89 -17.61
N ARG A 88 -0.60 7.49 -18.51
CA ARG A 88 -0.20 7.59 -19.91
C ARG A 88 1.09 8.36 -20.08
N THR A 89 1.26 9.41 -19.29
CA THR A 89 2.49 10.22 -19.40
C THR A 89 3.68 9.41 -18.91
N PHE A 90 3.54 8.72 -17.78
CA PHE A 90 4.65 7.92 -17.26
C PHE A 90 5.01 6.83 -18.27
N ARG A 91 3.99 6.23 -18.88
CA ARG A 91 4.22 5.16 -19.87
C ARG A 91 5.03 5.70 -21.04
N LYS A 92 4.73 6.92 -21.44
CA LYS A 92 5.39 7.57 -22.59
C LYS A 92 6.80 8.06 -22.22
N LEU A 93 6.97 8.61 -21.02
CA LEU A 93 8.28 9.13 -20.61
C LEU A 93 9.23 8.03 -20.12
N MET A 94 8.72 6.84 -19.80
CA MET A 94 9.60 5.75 -19.35
C MET A 94 9.26 4.48 -20.14
N PRO A 95 9.43 4.53 -21.47
CA PRO A 95 9.14 3.42 -22.37
C PRO A 95 9.86 2.09 -22.18
N ASN A 96 11.02 2.10 -21.53
CA ASN A 96 11.78 0.85 -21.39
C ASN A 96 11.62 0.26 -19.99
N SER A 97 10.78 0.85 -19.15
CA SER A 97 10.68 0.38 -17.77
C SER A 97 9.42 -0.41 -17.53
N ARG A 98 9.50 -1.28 -16.52
CA ARG A 98 8.30 -2.02 -16.10
C ARG A 98 7.58 -1.13 -15.11
N LEU A 99 6.40 -0.62 -15.46
CA LEU A 99 5.67 0.23 -14.51
C LEU A 99 4.94 -0.67 -13.53
N GLN A 100 4.88 -0.24 -12.26
CA GLN A 100 4.25 -1.04 -11.21
C GLN A 100 3.24 -0.21 -10.45
N MET A 101 2.22 -0.86 -9.91
CA MET A 101 1.22 -0.12 -9.12
C MET A 101 0.82 -0.98 -7.95
N LEU A 102 0.13 -0.36 -6.99
CA LEU A 102 -0.39 -1.04 -5.81
C LEU A 102 -1.90 -1.04 -5.96
N LEU A 103 -2.50 -2.22 -5.92
CA LEU A 103 -3.96 -2.37 -6.10
C LEU A 103 -4.54 -3.16 -4.92
N ARG A 104 -5.53 -2.60 -4.23
CA ARG A 104 -6.08 -3.29 -3.05
C ARG A 104 -7.17 -4.29 -3.41
N GLY A 105 -6.80 -5.32 -4.15
CA GLY A 105 -7.72 -6.38 -4.52
C GLY A 105 -9.13 -6.02 -4.98
N GLN A 106 -10.13 -6.66 -4.37
CA GLN A 106 -11.53 -6.47 -4.75
C GLN A 106 -11.98 -5.02 -4.48
N ASN A 107 -11.21 -4.29 -3.67
CA ASN A 107 -11.51 -2.89 -3.33
C ASN A 107 -10.94 -1.97 -4.40
N LEU A 108 -10.05 -2.52 -5.24
CA LEU A 108 -9.38 -1.75 -6.28
C LEU A 108 -8.69 -0.55 -5.61
N LEU A 109 -9.02 0.66 -6.04
CA LEU A 109 -8.44 1.85 -5.41
C LEU A 109 -9.58 2.62 -4.75
N GLY A 110 -10.72 1.93 -4.65
CA GLY A 110 -11.93 2.49 -4.08
C GLY A 110 -12.21 2.34 -2.60
N TYR A 111 -13.45 2.66 -2.25
CA TYR A 111 -13.88 2.66 -0.83
C TYR A 111 -14.60 1.38 -0.43
N ARG A 112 -14.84 0.45 -1.35
CA ARG A 112 -15.55 -0.78 -0.97
C ARG A 112 -15.20 -1.91 -1.93
N HIS A 113 -15.74 -3.08 -1.68
CA HIS A 113 -15.55 -4.21 -2.60
C HIS A 113 -16.46 -3.95 -3.78
N TYR A 114 -16.02 -4.31 -4.98
CA TYR A 114 -16.85 -4.11 -6.17
C TYR A 114 -17.18 -5.43 -6.81
N ASN A 115 -18.20 -5.43 -7.66
CA ASN A 115 -18.56 -6.63 -8.41
C ASN A 115 -17.37 -6.97 -9.30
N ASP A 116 -17.18 -8.26 -9.54
CA ASP A 116 -16.05 -8.74 -10.35
C ASP A 116 -15.92 -8.00 -11.69
N GLU A 117 -17.03 -7.55 -12.28
CA GLU A 117 -16.94 -6.90 -13.61
C GLU A 117 -16.26 -5.55 -13.51
N VAL A 118 -16.39 -4.88 -12.38
CA VAL A 118 -15.71 -3.58 -12.23
C VAL A 118 -14.20 -3.84 -12.10
N VAL A 119 -13.84 -4.92 -11.40
CA VAL A 119 -12.42 -5.26 -11.26
C VAL A 119 -11.85 -5.58 -12.65
N ASP A 120 -12.60 -6.33 -13.45
CA ASP A 120 -12.16 -6.67 -14.79
C ASP A 120 -11.91 -5.40 -15.59
N ARG A 121 -12.86 -4.49 -15.53
CA ARG A 121 -12.78 -3.20 -16.25
C ARG A 121 -11.53 -2.45 -15.85
N PHE A 122 -11.36 -2.28 -14.55
CA PHE A 122 -10.22 -1.49 -14.03
C PHE A 122 -8.89 -2.07 -14.48
N VAL A 123 -8.69 -3.36 -14.28
CA VAL A 123 -7.41 -3.98 -14.64
C VAL A 123 -7.19 -3.87 -16.15
N ASP A 124 -8.24 -4.14 -16.91
CA ASP A 124 -8.16 -4.07 -18.38
C ASP A 124 -7.68 -2.70 -18.83
N LYS A 125 -8.28 -1.64 -18.30
CA LYS A 125 -7.90 -0.27 -18.67
C LYS A 125 -6.53 0.09 -18.12
N SER A 126 -6.17 -0.45 -16.96
CA SER A 126 -4.84 -0.18 -16.39
C SER A 126 -3.78 -0.75 -17.32
N ALA A 127 -3.95 -2.02 -17.72
CA ALA A 127 -2.99 -2.69 -18.62
C ALA A 127 -2.98 -1.99 -19.97
N GLU A 128 -4.17 -1.66 -20.45
CA GLU A 128 -4.33 -1.00 -21.75
C GLU A 128 -3.58 0.33 -21.76
N ASN A 129 -3.58 1.05 -20.65
CA ASN A 129 -2.91 2.35 -20.59
C ASN A 129 -1.42 2.21 -20.25
N GLY A 130 -0.93 0.97 -20.11
CA GLY A 130 0.49 0.79 -19.86
C GLY A 130 1.02 0.16 -18.58
N MET A 131 0.16 -0.19 -17.63
CA MET A 131 0.65 -0.77 -16.37
C MET A 131 1.21 -2.18 -16.66
N ASP A 132 2.38 -2.50 -16.08
CA ASP A 132 3.05 -3.79 -16.33
C ASP A 132 2.94 -4.75 -15.15
N VAL A 133 3.27 -4.27 -13.95
CA VAL A 133 3.25 -5.12 -12.75
C VAL A 133 2.17 -4.65 -11.80
N PHE A 134 1.30 -5.57 -11.43
CA PHE A 134 0.19 -5.25 -10.52
C PHE A 134 0.43 -5.90 -9.15
N ARG A 135 0.73 -5.10 -8.15
CA ARG A 135 0.90 -5.66 -6.80
C ARG A 135 -0.48 -5.68 -6.17
N VAL A 136 -1.11 -6.85 -6.15
CA VAL A 136 -2.46 -6.99 -5.61
C VAL A 136 -2.40 -7.42 -4.16
N PHE A 137 -3.12 -6.73 -3.29
CA PHE A 137 -3.09 -7.09 -1.87
C PHE A 137 -4.45 -6.90 -1.23
N ASP A 138 -4.59 -7.49 -0.05
CA ASP A 138 -5.82 -7.38 0.74
C ASP A 138 -5.42 -7.07 2.17
N ALA A 139 -6.05 -6.06 2.76
CA ALA A 139 -5.75 -5.60 4.12
C ALA A 139 -5.88 -6.71 5.16
N MET A 140 -6.78 -7.67 4.95
CA MET A 140 -6.98 -8.76 5.91
C MET A 140 -6.13 -9.99 5.53
N ASN A 141 -5.42 -9.89 4.40
CA ASN A 141 -4.62 -11.00 3.88
C ASN A 141 -5.55 -12.16 3.49
N ASP A 142 -6.77 -11.83 3.05
CA ASP A 142 -7.72 -12.86 2.59
C ASP A 142 -7.45 -13.09 1.09
N PRO A 143 -6.86 -14.24 0.74
CA PRO A 143 -6.56 -14.56 -0.66
C PRO A 143 -7.73 -14.49 -1.61
N ARG A 144 -8.93 -14.70 -1.10
CA ARG A 144 -10.13 -14.69 -1.95
C ARG A 144 -10.40 -13.27 -2.46
N ASN A 145 -9.97 -12.25 -1.73
CA ASN A 145 -10.21 -10.86 -2.16
C ASN A 145 -9.17 -10.43 -3.19
N MET A 146 -8.14 -11.25 -3.38
CA MET A 146 -7.08 -10.91 -4.35
C MET A 146 -7.27 -11.74 -5.62
N ALA A 147 -7.92 -12.88 -5.46
CA ALA A 147 -8.11 -13.88 -6.52
C ALA A 147 -8.62 -13.28 -7.83
N HIS A 148 -9.73 -12.56 -7.83
CA HIS A 148 -10.26 -12.09 -9.12
C HIS A 148 -9.36 -11.07 -9.80
N ALA A 149 -8.82 -10.12 -9.03
CA ALA A 149 -7.93 -9.11 -9.60
C ALA A 149 -6.75 -9.83 -10.25
N MET A 150 -6.20 -10.79 -9.54
CA MET A 150 -5.05 -11.58 -10.01
C MET A 150 -5.37 -12.22 -11.35
N ALA A 151 -6.56 -12.81 -11.45
CA ALA A 151 -6.98 -13.48 -12.68
C ALA A 151 -7.11 -12.45 -13.80
N ALA A 152 -7.63 -11.27 -13.48
CA ALA A 152 -7.80 -10.23 -14.51
C ALA A 152 -6.42 -9.80 -15.03
N VAL A 153 -5.45 -9.71 -14.13
CA VAL A 153 -4.08 -9.31 -14.52
C VAL A 153 -3.49 -10.35 -15.46
N LYS A 154 -3.73 -11.62 -15.18
CA LYS A 154 -3.21 -12.71 -16.02
C LYS A 154 -3.89 -12.67 -17.40
N LYS A 155 -5.21 -12.42 -17.45
CA LYS A 155 -5.91 -12.36 -18.74
C LYS A 155 -5.30 -11.28 -19.61
N ALA A 156 -4.97 -10.15 -18.99
CA ALA A 156 -4.39 -9.00 -19.72
C ALA A 156 -2.94 -9.30 -20.06
N GLY A 157 -2.45 -10.46 -19.67
CA GLY A 157 -1.07 -10.83 -19.94
C GLY A 157 -0.02 -10.02 -19.18
N LYS A 158 -0.39 -9.45 -18.04
CA LYS A 158 0.53 -8.62 -17.24
C LYS A 158 1.10 -9.43 -16.08
N HIS A 159 1.99 -8.80 -15.29
CA HIS A 159 2.63 -9.50 -14.17
C HIS A 159 1.78 -9.37 -12.91
N ALA A 160 1.25 -10.49 -12.42
CA ALA A 160 0.42 -10.48 -11.21
C ALA A 160 1.27 -10.80 -9.99
N GLN A 161 1.41 -9.82 -9.10
CA GLN A 161 2.22 -10.01 -7.88
C GLN A 161 1.30 -10.08 -6.66
N GLY A 162 1.08 -11.30 -6.15
CA GLY A 162 0.24 -11.50 -4.98
C GLY A 162 1.00 -10.97 -3.78
N THR A 163 0.29 -10.33 -2.85
CA THR A 163 0.96 -9.68 -1.71
C THR A 163 0.60 -10.29 -0.36
N ILE A 164 1.62 -10.37 0.49
CA ILE A 164 1.44 -10.82 1.89
C ILE A 164 1.70 -9.58 2.76
N CYS A 165 0.68 -9.10 3.47
CA CYS A 165 0.92 -7.95 4.36
C CYS A 165 1.55 -8.50 5.63
N TYR A 166 2.79 -8.08 5.90
CA TYR A 166 3.50 -8.56 7.09
C TYR A 166 3.02 -7.83 8.33
N THR A 167 2.87 -8.58 9.41
CA THR A 167 2.48 -7.99 10.71
C THR A 167 2.99 -8.88 11.80
N ILE A 168 2.92 -8.38 13.03
CA ILE A 168 3.33 -9.19 14.18
C ILE A 168 2.11 -9.40 15.07
N SER A 169 1.78 -10.66 15.35
CA SER A 169 0.63 -10.96 16.22
C SER A 169 0.78 -12.39 16.71
N PRO A 170 0.00 -12.77 17.74
CA PRO A 170 0.09 -14.12 18.27
C PRO A 170 -0.24 -15.23 17.28
N VAL A 171 -0.87 -14.89 16.16
CA VAL A 171 -1.25 -15.92 15.18
C VAL A 171 -0.41 -15.84 13.92
N HIS A 172 0.44 -14.84 13.80
CA HIS A 172 1.28 -14.76 12.59
C HIS A 172 2.60 -15.45 12.83
N THR A 173 2.88 -16.42 11.98
CA THR A 173 4.09 -17.25 12.08
C THR A 173 4.68 -17.47 10.71
N VAL A 174 5.91 -17.98 10.67
CA VAL A 174 6.58 -18.25 9.39
C VAL A 174 5.75 -19.26 8.61
N GLU A 175 5.23 -20.26 9.30
CA GLU A 175 4.42 -21.30 8.66
C GLU A 175 3.19 -20.65 8.03
N GLY A 176 2.57 -19.71 8.73
CA GLY A 176 1.39 -19.07 8.18
C GLY A 176 1.69 -18.30 6.91
N TYR A 177 2.85 -17.66 6.88
CA TYR A 177 3.26 -16.86 5.72
C TYR A 177 3.56 -17.78 4.54
N VAL A 178 4.26 -18.89 4.81
CA VAL A 178 4.58 -19.85 3.75
C VAL A 178 3.27 -20.37 3.14
N LYS A 179 2.28 -20.61 4.01
CA LYS A 179 0.96 -21.09 3.58
C LYS A 179 0.30 -20.07 2.67
N LEU A 180 0.34 -18.81 3.06
CA LEU A 180 -0.30 -17.77 2.25
C LEU A 180 0.43 -17.64 0.91
N ALA A 181 1.75 -17.78 0.94
CA ALA A 181 2.53 -17.70 -0.30
C ALA A 181 2.04 -18.77 -1.28
N GLY A 182 1.80 -19.97 -0.76
CA GLY A 182 1.32 -21.07 -1.60
C GLY A 182 -0.04 -20.76 -2.18
N GLN A 183 -0.92 -20.16 -1.38
CA GLN A 183 -2.26 -19.82 -1.87
C GLN A 183 -2.12 -18.77 -2.97
N LEU A 184 -1.15 -17.88 -2.83
CA LEU A 184 -0.95 -16.86 -3.86
C LEU A 184 -0.44 -17.51 -5.15
N LEU A 185 0.49 -18.43 -5.02
CA LEU A 185 1.01 -19.12 -6.22
C LEU A 185 -0.11 -19.93 -6.86
N ASP A 186 -1.02 -20.46 -6.06
CA ASP A 186 -2.13 -21.25 -6.58
C ASP A 186 -3.10 -20.38 -7.40
N MET A 187 -3.04 -19.06 -7.22
CA MET A 187 -3.94 -18.16 -7.97
C MET A 187 -3.22 -17.66 -9.22
N GLY A 188 -2.09 -18.26 -9.53
CA GLY A 188 -1.32 -17.86 -10.70
C GLY A 188 -0.39 -16.68 -10.50
N ALA A 189 0.00 -16.40 -9.26
CA ALA A 189 0.89 -15.28 -8.94
C ALA A 189 2.21 -15.44 -9.69
N ASP A 190 2.63 -14.39 -10.36
CA ASP A 190 3.90 -14.43 -11.10
C ASP A 190 5.04 -14.20 -10.12
N SER A 191 4.73 -13.56 -9.00
CA SER A 191 5.73 -13.31 -7.96
C SER A 191 5.02 -13.01 -6.65
N ILE A 192 5.75 -13.04 -5.55
CA ILE A 192 5.16 -12.80 -4.24
C ILE A 192 5.75 -11.54 -3.64
N ALA A 193 4.88 -10.65 -3.18
CA ALA A 193 5.35 -9.43 -2.53
C ALA A 193 5.18 -9.55 -1.04
N LEU A 194 6.25 -9.32 -0.29
CA LEU A 194 6.11 -9.33 1.18
C LEU A 194 6.05 -7.88 1.63
N LYS A 195 5.18 -7.25 2.05
CA LYS A 195 4.60 -5.76 1.96
C LYS A 195 4.60 -5.68 3.67
N ASP A 196 5.66 -4.83 4.07
CA ASP A 196 5.84 -4.35 5.44
C ASP A 196 5.66 -2.85 5.54
N MET A 197 4.30 -2.42 5.64
CA MET A 197 4.08 -0.97 5.62
C MET A 197 4.53 -0.34 6.93
N ALA A 198 4.53 -1.08 8.10
CA ALA A 198 4.82 -0.38 9.35
C ALA A 198 6.26 -0.61 9.79
N ALA A 199 7.07 -1.19 8.90
CA ALA A 199 8.49 -1.46 9.18
C ALA A 199 8.64 -2.39 10.38
N LEU A 200 7.77 -3.40 10.44
CA LEU A 200 7.76 -4.34 11.57
C LEU A 200 8.69 -5.53 11.34
N LEU A 201 9.15 -5.72 10.09
CA LEU A 201 9.97 -6.89 9.75
C LEU A 201 11.41 -6.73 10.24
N LYS A 202 11.79 -7.54 11.21
CA LYS A 202 13.16 -7.51 11.75
C LYS A 202 14.04 -8.42 10.88
N PRO A 203 15.37 -8.31 11.02
CA PRO A 203 16.34 -9.10 10.27
C PRO A 203 16.16 -10.61 10.28
N GLN A 204 16.07 -11.21 11.47
CA GLN A 204 15.98 -12.68 11.54
C GLN A 204 14.69 -13.17 10.87
N PRO A 205 13.55 -12.55 11.18
CA PRO A 205 12.30 -12.98 10.55
C PRO A 205 12.35 -12.83 9.03
N ALA A 206 12.99 -11.77 8.55
CA ALA A 206 13.10 -11.54 7.10
C ALA A 206 13.84 -12.72 6.46
N TYR A 207 14.95 -13.08 7.07
CA TYR A 207 15.75 -14.19 6.57
C TYR A 207 14.91 -15.48 6.65
N ASP A 208 14.34 -15.76 7.81
CA ASP A 208 13.60 -17.01 8.02
C ASP A 208 12.39 -17.14 7.09
N ILE A 209 11.61 -16.07 6.93
CA ILE A 209 10.43 -16.14 6.07
C ILE A 209 10.82 -16.30 4.59
N ILE A 210 11.73 -15.46 4.11
CA ILE A 210 12.16 -15.55 2.70
C ILE A 210 12.76 -16.94 2.41
N LYS A 211 13.59 -17.43 3.33
CA LYS A 211 14.24 -18.73 3.17
C LYS A 211 13.19 -19.85 3.17
N ALA A 212 12.21 -19.77 4.05
CA ALA A 212 11.19 -20.82 4.15
C ALA A 212 10.36 -20.88 2.87
N ILE A 213 10.07 -19.72 2.30
CA ILE A 213 9.27 -19.68 1.06
C ILE A 213 10.10 -20.27 -0.08
N LYS A 214 11.38 -19.91 -0.12
CA LYS A 214 12.30 -20.41 -1.16
C LYS A 214 12.50 -21.92 -1.03
N ASP A 215 12.67 -22.40 0.20
CA ASP A 215 12.89 -23.84 0.42
C ASP A 215 11.62 -24.62 0.12
N THR A 216 10.48 -24.03 0.42
CA THR A 216 9.19 -24.74 0.24
C THR A 216 8.69 -24.73 -1.20
N TYR A 217 8.81 -23.64 -1.93
CA TYR A 217 8.26 -23.62 -3.29
C TYR A 217 9.33 -23.59 -4.36
N GLY A 218 10.60 -23.50 -3.96
CA GLY A 218 11.67 -23.50 -4.95
C GLY A 218 12.31 -22.13 -5.18
N GLN A 219 13.58 -22.14 -5.54
CA GLN A 219 14.37 -20.92 -5.79
C GLN A 219 13.77 -20.11 -6.94
N LYS A 220 13.03 -20.76 -7.84
CA LYS A 220 12.42 -20.05 -8.97
C LYS A 220 11.30 -19.11 -8.48
N THR A 221 10.85 -19.29 -7.24
CA THR A 221 9.77 -18.46 -6.68
C THR A 221 10.28 -17.02 -6.52
N GLN A 222 9.72 -16.08 -7.28
CA GLN A 222 10.16 -14.68 -7.20
C GLN A 222 9.47 -13.99 -6.05
N ILE A 223 10.28 -13.40 -5.19
CA ILE A 223 9.81 -12.67 -4.00
C ILE A 223 10.38 -11.25 -4.02
N ASN A 224 9.50 -10.25 -3.89
CA ASN A 224 9.91 -8.85 -3.83
C ASN A 224 9.67 -8.36 -2.40
N LEU A 225 10.66 -7.75 -1.76
CA LEU A 225 10.47 -7.28 -0.38
C LEU A 225 10.26 -5.78 -0.34
N HIS A 226 9.14 -5.35 0.26
CA HIS A 226 8.78 -3.93 0.39
C HIS A 226 8.75 -3.56 1.87
N CYS A 227 9.78 -2.87 2.36
CA CYS A 227 9.83 -2.47 3.77
C CYS A 227 9.93 -0.96 3.91
N HIS A 228 9.16 -0.39 4.82
CA HIS A 228 9.30 1.05 5.10
C HIS A 228 10.44 1.17 6.11
N SER A 229 10.87 2.38 6.43
CA SER A 229 12.03 2.55 7.33
C SER A 229 11.62 3.18 8.64
N THR A 230 10.32 3.24 8.87
CA THR A 230 9.71 3.88 10.04
C THR A 230 10.40 3.53 11.38
N THR A 231 10.70 2.26 11.61
CA THR A 231 11.32 1.81 12.88
C THR A 231 12.85 1.87 12.81
N GLY A 232 13.40 2.10 11.63
CA GLY A 232 14.85 2.17 11.48
C GLY A 232 15.64 0.87 11.46
N VAL A 233 14.99 -0.29 11.36
CA VAL A 233 15.73 -1.56 11.39
C VAL A 233 15.65 -2.31 10.05
N THR A 234 14.82 -1.86 9.12
CA THR A 234 14.57 -2.63 7.89
C THR A 234 15.70 -2.62 6.87
N GLU A 235 16.68 -1.71 6.92
CA GLU A 235 17.72 -1.85 5.89
C GLU A 235 18.56 -3.07 6.22
N VAL A 236 18.62 -3.38 7.52
CA VAL A 236 19.36 -4.58 7.94
C VAL A 236 18.53 -5.79 7.54
N SER A 237 17.21 -5.65 7.61
CA SER A 237 16.30 -6.75 7.23
C SER A 237 16.47 -7.04 5.75
N LEU A 238 16.66 -5.98 4.96
CA LEU A 238 16.87 -6.12 3.50
C LEU A 238 18.13 -6.93 3.25
N MET A 239 19.21 -6.63 3.98
CA MET A 239 20.46 -7.37 3.80
C MET A 239 20.20 -8.85 4.13
N LYS A 240 19.46 -9.10 5.20
CA LYS A 240 19.16 -10.50 5.57
C LYS A 240 18.33 -11.17 4.50
N ALA A 241 17.35 -10.44 3.96
CA ALA A 241 16.48 -11.01 2.92
C ALA A 241 17.33 -11.38 1.70
N ILE A 242 18.31 -10.56 1.39
CA ILE A 242 19.17 -10.85 0.23
C ILE A 242 19.99 -12.10 0.53
N GLU A 243 20.46 -12.24 1.76
CA GLU A 243 21.23 -13.45 2.10
C GLU A 243 20.31 -14.66 2.02
N ALA A 244 19.03 -14.45 2.31
CA ALA A 244 18.03 -15.54 2.27
C ALA A 244 17.61 -15.83 0.84
N GLY A 245 18.04 -14.99 -0.09
CA GLY A 245 17.72 -15.19 -1.50
C GLY A 245 16.63 -14.35 -2.13
N VAL A 246 16.24 -13.23 -1.51
CA VAL A 246 15.17 -12.41 -2.12
C VAL A 246 15.63 -11.90 -3.50
N ASP A 247 14.68 -11.84 -4.42
CA ASP A 247 14.93 -11.47 -5.82
C ASP A 247 14.95 -9.96 -6.02
N VAL A 248 14.05 -9.24 -5.36
CA VAL A 248 13.95 -7.78 -5.54
C VAL A 248 13.60 -7.09 -4.22
N VAL A 249 14.17 -5.90 -3.98
CA VAL A 249 13.85 -5.11 -2.79
C VAL A 249 13.42 -3.71 -3.24
N ASP A 250 12.47 -3.10 -2.53
CA ASP A 250 11.96 -1.77 -2.87
C ASP A 250 12.69 -0.69 -2.07
N THR A 251 13.08 0.37 -2.76
CA THR A 251 13.79 1.49 -2.11
C THR A 251 13.29 2.80 -2.69
N ALA A 252 13.69 3.91 -2.06
CA ALA A 252 13.32 5.26 -2.54
C ALA A 252 14.61 6.09 -2.73
N ILE A 253 14.71 6.85 -3.84
CA ILE A 253 15.93 7.63 -4.07
C ILE A 253 16.30 8.36 -2.73
N SER A 254 17.60 8.46 -2.43
CA SER A 254 18.07 8.99 -1.15
C SER A 254 17.49 10.36 -0.72
N SER A 255 17.18 11.26 -1.64
CA SER A 255 16.66 12.58 -1.25
C SER A 255 15.16 12.50 -0.90
N MET A 256 14.58 11.31 -1.04
CA MET A 256 13.16 11.07 -0.73
C MET A 256 13.03 9.78 0.07
N SER A 257 13.84 9.64 1.12
CA SER A 257 13.84 8.37 1.88
C SER A 257 13.88 8.61 3.38
N LEU A 258 13.84 7.48 4.10
CA LEU A 258 13.89 7.36 5.56
C LEU A 258 12.60 7.86 6.21
N GLY A 259 12.58 7.86 7.53
CA GLY A 259 11.37 8.28 8.22
C GLY A 259 10.31 7.26 7.86
N PRO A 260 9.03 7.66 7.74
CA PRO A 260 7.90 6.80 7.40
C PRO A 260 7.99 6.31 5.96
N GLY A 261 9.03 6.79 5.28
CA GLY A 261 9.27 6.39 3.91
C GLY A 261 9.97 5.06 3.85
N HIS A 262 11.03 4.99 3.03
CA HIS A 262 11.74 3.72 2.80
C HIS A 262 13.25 3.87 2.91
N ASN A 263 13.95 2.75 2.79
CA ASN A 263 15.42 2.77 2.82
C ASN A 263 15.89 3.34 1.48
N PRO A 264 17.05 4.01 1.47
CA PRO A 264 17.62 4.65 0.29
C PRO A 264 18.17 3.77 -0.79
N THR A 265 17.76 4.07 -2.02
CA THR A 265 18.16 3.29 -3.20
C THR A 265 19.68 3.21 -3.29
N GLU A 266 20.35 4.37 -3.26
CA GLU A 266 21.81 4.41 -3.38
C GLU A 266 22.48 3.68 -2.21
N SER A 267 21.93 3.83 -1.01
CA SER A 267 22.47 3.17 0.19
C SER A 267 22.37 1.66 0.06
N VAL A 268 21.21 1.16 -0.39
CA VAL A 268 21.03 -0.29 -0.56
C VAL A 268 21.97 -0.80 -1.66
N ALA A 269 22.20 0.02 -2.69
CA ALA A 269 23.08 -0.41 -3.79
C ALA A 269 24.53 -0.43 -3.32
N GLU A 270 24.96 0.61 -2.62
CA GLU A 270 26.35 0.74 -2.16
C GLU A 270 26.74 -0.31 -1.11
N MET A 271 25.83 -0.64 -0.19
CA MET A 271 26.17 -1.53 0.93
C MET A 271 26.51 -2.95 0.48
N LEU A 272 26.21 -3.31 -0.77
CA LEU A 272 26.44 -4.69 -1.23
C LEU A 272 27.87 -4.92 -1.75
N GLU A 273 28.64 -3.85 -1.97
CA GLU A 273 29.99 -3.99 -2.53
C GLU A 273 30.85 -4.95 -1.72
N GLY A 274 31.40 -5.93 -2.43
CA GLY A 274 32.26 -6.94 -1.82
C GLY A 274 31.54 -8.15 -1.24
N THR A 275 30.22 -8.12 -1.15
CA THR A 275 29.47 -9.23 -0.55
C THR A 275 29.23 -10.36 -1.55
N GLY A 276 29.41 -10.10 -2.84
CA GLY A 276 29.13 -11.12 -3.84
C GLY A 276 27.79 -10.77 -4.48
N TYR A 277 27.02 -9.92 -3.79
CA TYR A 277 25.72 -9.48 -4.32
C TYR A 277 25.93 -8.13 -4.98
N THR A 278 25.11 -7.86 -5.98
CA THR A 278 25.24 -6.56 -6.64
C THR A 278 23.91 -6.21 -7.29
N THR A 279 23.74 -4.93 -7.58
CA THR A 279 22.54 -4.48 -8.28
C THR A 279 23.07 -3.96 -9.62
N ASN A 280 22.24 -3.73 -10.60
CA ASN A 280 22.89 -3.14 -11.77
C ASN A 280 22.25 -1.79 -12.04
N LEU A 281 22.32 -0.92 -11.04
CA LEU A 281 21.80 0.44 -11.21
C LEU A 281 22.96 1.30 -11.67
N ASP A 282 22.65 2.37 -12.41
CA ASP A 282 23.65 3.32 -12.91
C ASP A 282 23.76 4.44 -11.87
N TYR A 283 24.89 4.50 -11.16
CA TYR A 283 25.06 5.48 -10.08
C TYR A 283 24.93 6.92 -10.58
N ASP A 284 25.31 7.17 -11.82
CA ASP A 284 25.20 8.52 -12.39
C ASP A 284 23.74 8.89 -12.55
N ARG A 285 22.95 7.99 -13.11
CA ARG A 285 21.52 8.25 -13.27
C ARG A 285 20.91 8.49 -11.88
N LEU A 286 21.28 7.65 -10.93
CA LEU A 286 20.75 7.78 -9.56
C LEU A 286 21.08 9.16 -9.01
N HIS A 287 22.30 9.62 -9.27
CA HIS A 287 22.73 10.94 -8.77
C HIS A 287 21.83 12.04 -9.31
N LYS A 288 21.46 11.95 -10.59
CA LYS A 288 20.60 12.96 -11.21
C LYS A 288 19.19 12.90 -10.63
N ILE A 289 18.68 11.70 -10.44
CA ILE A 289 17.34 11.53 -9.86
C ILE A 289 17.36 12.11 -8.44
N ARG A 290 18.43 11.83 -7.71
CA ARG A 290 18.54 12.32 -6.33
C ARG A 290 18.53 13.85 -6.31
N ASP A 291 19.37 14.46 -7.14
CA ASP A 291 19.46 15.93 -7.19
C ASP A 291 18.13 16.51 -7.65
N HIS A 292 17.47 15.81 -8.57
CA HIS A 292 16.18 16.32 -9.05
C HIS A 292 15.20 16.51 -7.89
N PHE A 293 14.96 15.45 -7.11
CA PHE A 293 13.98 15.56 -6.02
C PHE A 293 14.50 16.39 -4.84
N LYS A 294 15.81 16.46 -4.65
CA LYS A 294 16.35 17.26 -3.54
C LYS A 294 16.01 18.75 -3.75
N ALA A 295 15.99 19.17 -5.00
CA ALA A 295 15.71 20.56 -5.34
C ALA A 295 14.22 20.86 -5.19
N ILE A 296 13.41 19.84 -5.39
CA ILE A 296 11.95 19.99 -5.36
C ILE A 296 11.34 19.71 -3.98
N ARG A 297 11.93 18.83 -3.19
CA ARG A 297 11.31 18.44 -1.92
C ARG A 297 10.98 19.61 -0.97
N PRO A 298 11.87 20.60 -0.84
CA PRO A 298 11.53 21.70 0.09
C PRO A 298 10.14 22.36 -0.07
N LYS A 299 9.62 22.35 -1.29
CA LYS A 299 8.32 22.98 -1.58
C LYS A 299 7.17 22.22 -0.90
N TYR A 300 7.41 20.98 -0.49
CA TYR A 300 6.35 20.16 0.14
C TYR A 300 6.52 20.17 1.65
N LYS A 301 7.28 21.13 2.16
CA LYS A 301 7.56 21.18 3.60
C LYS A 301 6.27 21.25 4.45
N LYS A 302 5.16 21.78 3.93
CA LYS A 302 3.94 21.86 4.74
C LYS A 302 3.28 20.48 4.92
N PHE A 303 3.77 19.45 4.23
CA PHE A 303 3.13 18.13 4.34
C PHE A 303 4.09 17.09 4.94
N GLU A 304 5.29 17.48 5.34
CA GLU A 304 6.28 16.54 5.88
C GLU A 304 5.90 16.04 7.29
N SER A 305 6.38 14.84 7.63
CA SER A 305 6.19 14.22 8.95
C SER A 305 7.32 14.73 9.84
N LYS A 306 7.18 14.63 11.16
CA LYS A 306 8.23 15.15 12.03
C LYS A 306 8.91 14.07 12.89
N THR A 307 8.93 12.82 12.44
CA THR A 307 9.60 11.76 13.20
C THR A 307 10.35 10.83 12.24
N LEU A 308 11.68 10.82 12.35
CA LEU A 308 12.53 9.99 11.47
C LEU A 308 12.58 8.53 11.94
N VAL A 309 12.53 8.28 13.24
CA VAL A 309 12.65 6.90 13.74
C VAL A 309 11.75 6.70 14.92
N ASP A 310 10.91 5.68 14.84
CA ASP A 310 10.00 5.35 15.95
C ASP A 310 9.86 3.86 16.05
N THR A 311 10.40 3.28 17.13
CA THR A 311 10.39 1.83 17.38
C THR A 311 9.29 1.45 18.39
N SER A 312 8.46 2.41 18.80
CA SER A 312 7.44 2.13 19.81
C SER A 312 6.46 1.06 19.36
N ILE A 313 6.27 0.88 18.05
CA ILE A 313 5.32 -0.12 17.55
C ILE A 313 5.72 -1.55 17.98
N PHE A 314 7.01 -1.80 18.20
CA PHE A 314 7.45 -3.14 18.59
C PHE A 314 6.90 -3.51 19.96
N LYS A 315 6.42 -2.51 20.69
CA LYS A 315 5.85 -2.74 22.03
C LYS A 315 4.33 -2.55 22.03
N SER A 316 3.85 -1.54 21.31
CA SER A 316 2.43 -1.17 21.32
C SER A 316 1.61 -1.83 20.20
N GLN A 317 2.25 -2.30 19.14
CA GLN A 317 1.51 -2.87 18.01
C GLN A 317 0.75 -1.77 17.29
N ILE A 318 0.85 -0.53 17.76
CA ILE A 318 0.09 0.56 17.14
C ILE A 318 0.99 1.42 16.25
N PRO A 319 0.67 1.51 14.95
CA PRO A 319 1.45 2.32 14.02
C PRO A 319 1.24 3.80 14.35
N GLY A 320 2.30 4.60 14.24
CA GLY A 320 2.19 6.02 14.54
C GLY A 320 0.95 6.71 13.98
N GLY A 321 0.70 6.51 12.69
CA GLY A 321 -0.44 7.14 12.05
C GLY A 321 -1.75 6.75 12.72
N MET A 322 -1.83 5.50 13.18
CA MET A 322 -3.03 4.99 13.84
C MET A 322 -3.18 5.67 15.20
N LEU A 323 -2.06 5.83 15.90
CA LEU A 323 -2.07 6.45 17.22
C LEU A 323 -2.53 7.91 17.11
N SER A 324 -2.08 8.59 16.05
CA SER A 324 -2.44 10.00 15.83
C SER A 324 -3.94 10.11 15.55
N ASN A 325 -4.45 9.26 14.67
CA ASN A 325 -5.88 9.28 14.31
C ASN A 325 -6.72 9.13 15.57
N MET A 326 -6.23 8.37 16.55
CA MET A 326 -6.98 8.15 17.80
C MET A 326 -6.74 9.32 18.74
N GLU A 327 -5.49 9.74 18.84
CA GLU A 327 -5.10 10.87 19.70
C GLU A 327 -6.02 12.06 19.46
N SER A 328 -6.20 12.43 18.19
CA SER A 328 -7.06 13.57 17.85
C SER A 328 -8.48 13.31 18.31
N GLN A 329 -8.96 12.09 18.07
CA GLN A 329 -10.32 11.69 18.46
C GLN A 329 -10.49 11.85 19.97
N LEU A 330 -9.40 11.81 20.72
CA LEU A 330 -9.48 11.92 22.18
C LEU A 330 -9.48 13.38 22.64
N ARG A 331 -8.70 14.25 22.01
CA ARG A 331 -8.68 15.66 22.42
C ARG A 331 -9.88 16.37 21.76
N ALA A 332 -10.62 15.62 20.93
CA ALA A 332 -11.80 16.16 20.25
C ALA A 332 -13.06 15.70 20.99
N GLN A 333 -12.85 14.79 21.92
CA GLN A 333 -13.91 14.25 22.79
C GLN A 333 -13.64 14.76 24.20
N GLY A 334 -12.67 15.66 24.28
CA GLY A 334 -12.29 16.27 25.53
C GLY A 334 -11.70 15.38 26.61
N ALA A 335 -11.47 14.11 26.33
CA ALA A 335 -10.92 13.21 27.36
C ALA A 335 -9.66 12.51 26.85
N GLU A 336 -8.60 13.28 26.61
CA GLU A 336 -7.34 12.67 26.15
C GLU A 336 -6.57 12.17 27.38
N ASP A 337 -7.25 12.21 28.53
CA ASP A 337 -6.66 11.74 29.79
C ASP A 337 -6.82 10.22 29.83
N LYS A 338 -7.05 9.65 28.66
CA LYS A 338 -7.25 8.19 28.55
C LYS A 338 -6.52 7.63 27.35
N MET A 339 -5.49 8.35 26.88
CA MET A 339 -4.71 7.88 25.73
C MET A 339 -4.04 6.55 26.08
N ASP A 340 -3.89 6.29 27.37
CA ASP A 340 -3.25 5.06 27.84
C ASP A 340 -4.27 3.93 27.92
N GLU A 341 -5.54 4.27 28.12
CA GLU A 341 -6.59 3.25 28.22
C GLU A 341 -6.97 2.76 26.83
N VAL A 342 -6.85 3.64 25.85
CA VAL A 342 -7.19 3.31 24.46
C VAL A 342 -6.12 2.40 23.88
N MET A 343 -4.85 2.72 24.13
CA MET A 343 -3.73 1.92 23.62
C MET A 343 -3.79 0.51 24.21
N ALA A 344 -4.41 0.37 25.36
CA ALA A 344 -4.52 -0.95 26.01
C ALA A 344 -5.74 -1.67 25.46
N GLU A 345 -6.66 -0.91 24.88
CA GLU A 345 -7.90 -1.49 24.32
C GLU A 345 -7.66 -1.99 22.89
N VAL A 346 -6.79 -1.31 22.15
CA VAL A 346 -6.50 -1.70 20.76
C VAL A 346 -6.20 -3.19 20.66
N PRO A 347 -5.19 -3.69 21.40
CA PRO A 347 -4.89 -5.12 21.32
C PRO A 347 -6.13 -6.00 21.47
N ARG A 348 -6.99 -5.65 22.42
CA ARG A 348 -8.21 -6.44 22.65
C ARG A 348 -9.15 -6.38 21.45
N VAL A 349 -9.33 -5.20 20.88
CA VAL A 349 -10.23 -5.10 19.71
C VAL A 349 -9.63 -5.89 18.54
N ARG A 350 -8.33 -5.71 18.29
CA ARG A 350 -7.68 -6.43 17.20
C ARG A 350 -7.92 -7.92 17.37
N LYS A 351 -7.63 -8.41 18.57
CA LYS A 351 -7.83 -9.82 18.94
C LYS A 351 -9.24 -10.26 18.55
N ALA A 352 -10.23 -9.48 18.98
CA ALA A 352 -11.64 -9.80 18.71
C ALA A 352 -11.93 -9.85 17.22
N ALA A 353 -11.22 -9.02 16.46
CA ALA A 353 -11.41 -8.92 15.01
C ALA A 353 -10.62 -10.00 14.26
N GLY A 354 -9.89 -10.83 14.99
CA GLY A 354 -9.13 -11.88 14.34
C GLY A 354 -7.70 -11.52 13.96
N PHE A 355 -7.12 -10.54 14.64
CA PHE A 355 -5.73 -10.11 14.41
C PHE A 355 -5.48 -9.68 12.96
N PRO A 356 -6.31 -8.80 12.41
CA PRO A 356 -6.00 -8.43 11.03
C PRO A 356 -4.76 -7.53 11.06
N PRO A 357 -4.03 -7.42 9.93
CA PRO A 357 -2.86 -6.55 9.91
C PRO A 357 -3.36 -5.13 10.18
N LEU A 358 -2.59 -4.30 10.88
CA LEU A 358 -3.07 -2.95 11.19
C LEU A 358 -2.66 -1.96 10.11
N VAL A 359 -3.21 -2.15 8.92
CA VAL A 359 -2.99 -1.25 7.78
C VAL A 359 -4.37 -0.73 7.36
N THR A 360 -4.39 0.32 6.57
CA THR A 360 -5.66 0.89 6.12
C THR A 360 -6.46 -0.16 5.35
N PRO A 361 -7.77 -0.27 5.60
CA PRO A 361 -8.59 0.51 6.54
C PRO A 361 -8.75 -0.12 7.92
N SER A 362 -8.28 -1.36 8.06
CA SER A 362 -8.39 -2.12 9.32
C SER A 362 -7.92 -1.27 10.50
N SER A 363 -6.83 -0.53 10.32
CA SER A 363 -6.26 0.28 11.41
C SER A 363 -7.23 1.35 11.90
N GLN A 364 -7.87 2.09 10.99
CA GLN A 364 -8.81 3.14 11.42
C GLN A 364 -10.01 2.52 12.10
N ILE A 365 -10.49 1.42 11.52
CA ILE A 365 -11.67 0.72 12.06
C ILE A 365 -11.38 0.27 13.50
N VAL A 366 -10.32 -0.51 13.67
CA VAL A 366 -9.95 -1.01 15.01
C VAL A 366 -9.67 0.15 15.94
N GLY A 367 -8.97 1.16 15.45
CA GLY A 367 -8.64 2.31 16.28
C GLY A 367 -9.85 3.09 16.76
N THR A 368 -10.77 3.35 15.85
CA THR A 368 -11.99 4.09 16.20
C THR A 368 -12.83 3.27 17.16
N GLN A 369 -12.99 1.99 16.87
CA GLN A 369 -13.81 1.12 17.73
C GLN A 369 -13.18 1.03 19.12
N ALA A 370 -11.85 1.07 19.18
CA ALA A 370 -11.15 1.00 20.47
C ALA A 370 -11.51 2.20 21.32
N VAL A 371 -11.62 3.37 20.67
CA VAL A 371 -11.97 4.60 21.38
C VAL A 371 -13.34 4.50 22.03
N PHE A 372 -14.34 4.06 21.28
CA PHE A 372 -15.70 3.93 21.83
C PHE A 372 -15.70 3.11 23.11
N ASN A 373 -15.10 1.92 23.03
CA ASN A 373 -15.02 0.99 24.17
C ASN A 373 -14.40 1.67 25.40
N VAL A 374 -13.60 2.70 25.18
CA VAL A 374 -12.93 3.40 26.29
C VAL A 374 -13.84 4.47 26.87
N MET A 375 -14.95 4.77 26.19
CA MET A 375 -15.84 5.82 26.68
C MET A 375 -17.27 5.31 26.78
N MET A 376 -17.94 5.16 25.63
CA MET A 376 -19.33 4.69 25.62
C MET A 376 -19.44 3.29 26.20
N GLY A 377 -18.31 2.63 26.44
CA GLY A 377 -18.37 1.30 27.00
C GLY A 377 -17.97 0.25 25.98
N GLU A 378 -17.32 -0.81 26.47
CA GLU A 378 -16.85 -1.90 25.61
C GLU A 378 -17.99 -2.42 24.73
N TYR A 379 -17.81 -2.24 23.42
CA TYR A 379 -18.74 -2.70 22.39
C TYR A 379 -20.17 -2.22 22.67
N LYS A 380 -20.32 -1.19 23.49
CA LYS A 380 -21.64 -0.61 23.77
C LYS A 380 -22.25 -0.19 22.45
N ARG A 381 -21.44 0.52 21.68
CA ARG A 381 -21.83 1.01 20.34
C ARG A 381 -20.73 0.64 19.35
N MET A 382 -21.08 -0.13 18.34
CA MET A 382 -20.09 -0.52 17.32
C MET A 382 -20.32 0.31 16.06
N THR A 383 -19.24 0.79 15.48
CA THR A 383 -19.33 1.57 14.23
C THR A 383 -19.83 0.63 13.13
N GLY A 384 -20.25 1.20 12.01
CA GLY A 384 -20.73 0.37 10.92
C GLY A 384 -19.60 -0.45 10.32
N GLU A 385 -18.43 0.17 10.26
CA GLU A 385 -17.23 -0.49 9.70
C GLU A 385 -16.84 -1.67 10.60
N PHE A 386 -16.77 -1.43 11.90
CA PHE A 386 -16.36 -2.51 12.81
C PHE A 386 -17.34 -3.68 12.75
N ALA A 387 -18.63 -3.38 12.65
CA ALA A 387 -19.64 -4.45 12.58
C ALA A 387 -19.40 -5.30 11.35
N ASP A 388 -19.11 -4.64 10.23
CA ASP A 388 -18.86 -5.33 8.95
C ASP A 388 -17.64 -6.24 9.07
N ILE A 389 -16.60 -5.81 9.79
CA ILE A 389 -15.40 -6.64 9.94
C ILE A 389 -15.74 -7.88 10.75
N MET A 390 -16.45 -7.69 11.86
CA MET A 390 -16.81 -8.81 12.74
C MET A 390 -17.79 -9.73 12.05
N LEU A 391 -18.57 -9.21 11.11
CA LEU A 391 -19.57 -10.05 10.44
C LEU A 391 -19.03 -10.66 9.15
N GLY A 392 -17.76 -10.39 8.82
CA GLY A 392 -17.17 -10.98 7.63
C GLY A 392 -17.39 -10.30 6.29
N TYR A 393 -17.89 -9.06 6.29
CA TYR A 393 -18.16 -8.40 5.00
C TYR A 393 -16.88 -7.87 4.38
N TYR A 394 -15.76 -7.98 5.09
CA TYR A 394 -14.48 -7.54 4.52
C TYR A 394 -13.66 -8.77 4.18
N GLY A 395 -14.16 -9.94 4.56
CA GLY A 395 -13.46 -11.17 4.26
C GLY A 395 -13.09 -11.95 5.51
N ALA A 396 -12.25 -12.97 5.35
CA ALA A 396 -11.80 -13.79 6.47
C ALA A 396 -10.68 -13.10 7.23
N SER A 397 -10.61 -13.35 8.53
CA SER A 397 -9.53 -12.77 9.35
C SER A 397 -8.44 -13.82 9.48
N PRO A 398 -7.21 -13.39 9.80
CA PRO A 398 -6.09 -14.34 9.96
C PRO A 398 -6.38 -15.39 11.02
N ALA A 399 -7.23 -15.03 11.97
CA ALA A 399 -7.64 -15.95 13.05
C ALA A 399 -9.15 -15.83 13.24
N ASP A 400 -9.73 -16.77 13.96
CA ASP A 400 -11.19 -16.74 14.20
C ASP A 400 -11.55 -15.56 15.09
N ARG A 401 -12.69 -14.95 14.78
CA ARG A 401 -13.18 -13.79 15.54
C ARG A 401 -14.04 -14.24 16.73
N ASP A 402 -13.92 -13.53 17.85
CA ASP A 402 -14.66 -13.80 19.09
C ASP A 402 -16.15 -14.02 18.76
N PRO A 403 -16.65 -15.28 18.83
CA PRO A 403 -18.08 -15.41 18.50
C PRO A 403 -18.99 -14.52 19.33
N LYS A 404 -18.56 -14.24 20.56
CA LYS A 404 -19.38 -13.40 21.44
C LYS A 404 -19.41 -11.96 20.91
N VAL A 405 -18.28 -11.45 20.45
CA VAL A 405 -18.27 -10.07 19.92
C VAL A 405 -18.95 -10.04 18.57
N VAL A 406 -18.95 -11.18 17.89
CA VAL A 406 -19.58 -11.29 16.57
C VAL A 406 -21.10 -11.20 16.72
N LYS A 407 -21.62 -11.95 17.68
CA LYS A 407 -23.06 -12.01 17.93
C LYS A 407 -23.58 -10.60 18.23
N LEU A 408 -22.87 -9.87 19.08
CA LEU A 408 -23.27 -8.49 19.43
C LEU A 408 -23.34 -7.64 18.17
N ALA A 409 -22.34 -7.81 17.30
CA ALA A 409 -22.28 -7.04 16.04
C ALA A 409 -23.53 -7.34 15.23
N GLU A 410 -24.01 -8.56 15.31
CA GLU A 410 -25.21 -8.97 14.56
C GLU A 410 -26.46 -8.35 15.19
N GLU A 411 -26.44 -8.19 16.51
CA GLU A 411 -27.59 -7.63 17.22
C GLU A 411 -27.50 -6.10 17.25
N GLN A 412 -26.38 -5.54 16.81
CA GLN A 412 -26.23 -4.07 16.81
C GLN A 412 -26.32 -3.53 15.39
N SER A 413 -26.41 -4.43 14.41
CA SER A 413 -26.49 -3.99 13.01
C SER A 413 -27.66 -4.65 12.32
N GLY A 414 -27.95 -5.89 12.70
CA GLY A 414 -29.05 -6.60 12.07
C GLY A 414 -28.63 -7.39 10.85
N LYS A 415 -27.34 -7.34 10.51
CA LYS A 415 -26.82 -8.10 9.36
C LYS A 415 -26.45 -9.51 9.82
N LYS A 416 -26.53 -10.47 8.92
CA LYS A 416 -26.18 -11.86 9.27
C LYS A 416 -24.71 -12.09 8.98
N PRO A 417 -24.02 -12.83 9.86
CA PRO A 417 -22.60 -13.12 9.67
C PRO A 417 -22.36 -14.00 8.46
N ILE A 418 -21.54 -13.53 7.52
CA ILE A 418 -21.20 -14.33 6.34
C ILE A 418 -19.75 -14.79 6.47
N THR A 419 -19.33 -15.72 5.62
CA THR A 419 -17.96 -16.22 5.70
C THR A 419 -17.41 -16.48 4.30
N GLN A 420 -18.23 -16.27 3.28
CA GLN A 420 -17.77 -16.48 1.90
C GLN A 420 -17.23 -15.15 1.36
N ARG A 421 -16.53 -15.19 0.22
CA ARG A 421 -15.97 -13.97 -0.37
C ARG A 421 -17.11 -12.97 -0.52
N PRO A 422 -16.95 -11.77 0.05
CA PRO A 422 -18.00 -10.73 -0.03
C PRO A 422 -18.51 -10.35 -1.42
N ALA A 423 -17.63 -10.37 -2.43
CA ALA A 423 -18.02 -9.98 -3.79
C ALA A 423 -18.98 -11.00 -4.40
N ASP A 424 -19.13 -12.15 -3.76
CA ASP A 424 -20.03 -13.20 -4.24
C ASP A 424 -21.49 -12.73 -4.14
N LEU A 425 -21.74 -11.75 -3.29
CA LEU A 425 -23.10 -11.25 -3.08
C LEU A 425 -23.35 -9.99 -3.92
N LEU A 426 -22.29 -9.37 -4.40
CA LEU A 426 -22.42 -8.12 -5.18
C LEU A 426 -23.00 -8.38 -6.57
N PRO A 427 -24.03 -7.61 -6.93
CA PRO A 427 -24.68 -7.73 -8.24
C PRO A 427 -23.96 -6.91 -9.29
N PRO A 428 -24.26 -7.15 -10.57
CA PRO A 428 -23.60 -6.36 -11.63
C PRO A 428 -23.89 -4.88 -11.36
N GLU A 429 -22.93 -3.99 -11.61
CA GLU A 429 -23.14 -2.58 -11.30
C GLU A 429 -22.56 -1.67 -12.40
N TRP A 430 -21.80 -2.22 -13.32
CA TRP A 430 -21.17 -1.39 -14.37
C TRP A 430 -22.20 -0.51 -15.07
N GLU A 431 -23.23 -1.13 -15.63
CA GLU A 431 -24.26 -0.39 -16.39
C GLU A 431 -24.84 0.73 -15.54
N LYS A 432 -25.05 0.48 -14.25
CA LYS A 432 -25.60 1.50 -13.35
C LYS A 432 -24.58 2.62 -13.13
N GLN A 433 -23.31 2.25 -13.00
CA GLN A 433 -22.24 3.24 -12.81
C GLN A 433 -22.13 4.12 -14.04
N SER A 434 -22.13 3.50 -15.22
CA SER A 434 -22.02 4.23 -16.50
C SER A 434 -23.12 5.26 -16.63
N LYS A 435 -24.35 4.83 -16.39
CA LYS A 435 -25.51 5.73 -16.53
C LYS A 435 -25.33 6.96 -15.64
N GLU A 436 -25.12 6.74 -14.34
CA GLU A 436 -24.97 7.84 -13.36
C GLU A 436 -23.81 8.75 -13.75
N ALA A 437 -22.68 8.16 -14.11
CA ALA A 437 -21.49 8.96 -14.46
C ALA A 437 -21.76 9.83 -15.69
N ALA A 438 -22.52 9.32 -16.65
CA ALA A 438 -22.80 10.04 -17.89
C ALA A 438 -23.67 11.29 -17.67
N THR A 439 -24.20 11.49 -16.47
CA THR A 439 -25.06 12.65 -16.20
C THR A 439 -24.24 13.78 -15.56
N LEU A 440 -22.95 13.54 -15.33
CA LEU A 440 -22.08 14.53 -14.70
C LEU A 440 -21.45 15.45 -15.72
N LYS A 441 -21.49 16.75 -15.43
CA LYS A 441 -20.87 17.77 -16.29
C LYS A 441 -19.36 17.51 -16.32
N GLY A 442 -18.80 17.36 -17.53
CA GLY A 442 -17.37 17.10 -17.63
C GLY A 442 -17.02 15.65 -17.94
N PHE A 443 -17.98 14.75 -17.79
CA PHE A 443 -17.76 13.33 -18.09
C PHE A 443 -17.30 13.23 -19.56
N ASN A 444 -16.19 12.54 -19.82
CA ASN A 444 -15.69 12.46 -21.20
C ASN A 444 -16.15 11.18 -21.90
N GLY A 445 -17.03 10.40 -21.28
CA GLY A 445 -17.54 9.21 -21.92
C GLY A 445 -16.67 7.95 -21.95
N THR A 446 -15.48 8.00 -21.35
CA THR A 446 -14.58 6.84 -21.37
C THR A 446 -14.83 5.96 -20.15
N ASP A 447 -14.46 4.68 -20.26
CA ASP A 447 -14.59 3.75 -19.13
C ASP A 447 -13.72 4.29 -18.00
N GLU A 448 -12.62 4.93 -18.37
CA GLU A 448 -11.72 5.52 -17.37
C GLU A 448 -12.50 6.48 -16.47
N ASP A 449 -13.35 7.31 -17.07
CA ASP A 449 -14.15 8.27 -16.30
C ASP A 449 -15.21 7.54 -15.48
N VAL A 450 -15.83 6.51 -16.07
CA VAL A 450 -16.84 5.75 -15.32
C VAL A 450 -16.16 5.16 -14.09
N LEU A 451 -14.94 4.65 -14.28
CA LEU A 451 -14.21 4.06 -13.15
C LEU A 451 -13.96 5.15 -12.11
N THR A 452 -13.61 6.35 -12.55
CA THR A 452 -13.36 7.43 -11.58
C THR A 452 -14.61 7.69 -10.76
N TYR A 453 -15.77 7.60 -11.40
CA TYR A 453 -17.04 7.84 -10.69
C TYR A 453 -17.35 6.67 -9.74
N ALA A 454 -17.09 5.45 -10.19
CA ALA A 454 -17.37 4.25 -9.40
C ALA A 454 -16.47 4.18 -8.17
N LEU A 455 -15.22 4.60 -8.34
CA LEU A 455 -14.22 4.56 -7.26
C LEU A 455 -14.39 5.76 -6.31
N PHE A 456 -14.73 6.93 -6.85
CA PHE A 456 -14.86 8.13 -6.00
C PHE A 456 -16.11 8.93 -6.38
N PRO A 457 -17.28 8.41 -6.03
CA PRO A 457 -18.57 9.05 -6.32
C PRO A 457 -18.70 10.50 -5.87
N GLN A 458 -18.16 10.82 -4.69
CA GLN A 458 -18.30 12.15 -4.10
C GLN A 458 -17.30 13.16 -4.69
N VAL A 459 -16.22 12.68 -5.29
CA VAL A 459 -15.22 13.60 -5.85
C VAL A 459 -15.37 13.74 -7.35
N ALA A 460 -15.72 12.65 -8.02
CA ALA A 460 -15.88 12.63 -9.48
C ALA A 460 -16.61 13.89 -9.99
N PRO A 461 -17.74 14.27 -9.36
CA PRO A 461 -18.47 15.46 -9.83
C PRO A 461 -17.62 16.74 -9.93
N VAL A 462 -16.99 17.09 -8.81
CA VAL A 462 -16.16 18.30 -8.74
C VAL A 462 -14.97 18.19 -9.69
N PHE A 463 -14.34 17.01 -9.74
CA PHE A 463 -13.18 16.84 -10.61
C PHE A 463 -13.57 16.98 -12.06
N PHE A 464 -14.68 16.37 -12.44
CA PHE A 464 -15.12 16.42 -13.84
C PHE A 464 -15.37 17.85 -14.31
N GLU A 465 -15.89 18.73 -13.46
CA GLU A 465 -16.15 20.07 -14.01
C GLU A 465 -14.97 21.02 -13.85
N HIS A 466 -13.88 20.60 -13.22
CA HIS A 466 -12.73 21.49 -13.05
C HIS A 466 -11.51 20.98 -13.82
N ARG A 467 -11.54 19.71 -14.20
CA ARG A 467 -10.41 19.07 -14.90
C ARG A 467 -9.88 19.90 -16.05
N ALA A 468 -10.77 20.59 -16.76
CA ALA A 468 -10.35 21.38 -17.93
C ALA A 468 -9.34 22.47 -17.55
N GLU A 469 -9.21 22.81 -16.27
CA GLU A 469 -8.25 23.84 -15.83
C GLU A 469 -6.84 23.34 -15.90
N GLY A 470 -6.68 22.01 -15.96
CA GLY A 470 -5.36 21.44 -15.95
C GLY A 470 -4.93 21.09 -14.51
N PRO A 471 -3.96 20.16 -14.34
CA PRO A 471 -3.55 19.81 -12.97
C PRO A 471 -2.87 20.96 -12.25
N HIS A 472 -3.03 21.01 -10.92
CA HIS A 472 -2.41 22.08 -10.14
C HIS A 472 -1.44 21.46 -9.13
N SER A 473 -0.90 22.34 -8.27
CA SER A 473 0.05 21.92 -7.23
C SER A 473 -0.35 22.61 -5.93
N VAL A 474 -0.26 21.87 -4.82
CA VAL A 474 -0.61 22.45 -3.52
C VAL A 474 0.68 22.67 -2.73
N ALA A 475 1.79 22.57 -3.45
CA ALA A 475 3.12 22.77 -2.86
C ALA A 475 3.45 24.24 -2.89
N LEU A 476 4.41 24.65 -2.07
CA LEU A 476 4.83 26.06 -2.04
C LEU A 476 5.53 26.37 -3.35
N THR A 477 5.41 27.61 -3.81
CA THR A 477 6.10 28.03 -5.04
C THR A 477 7.50 28.48 -4.65
N ASP A 478 8.39 28.60 -5.61
CA ASP A 478 9.75 29.05 -5.30
C ASP A 478 9.66 30.40 -4.58
N ALA A 479 8.71 31.21 -5.04
CA ALA A 479 8.49 32.55 -4.47
C ALA A 479 8.10 32.42 -2.99
N GLN A 480 7.16 31.53 -2.71
CA GLN A 480 6.71 31.33 -1.32
C GLN A 480 7.84 30.76 -0.48
N LEU A 481 8.74 30.01 -1.10
CA LEU A 481 9.87 29.44 -0.36
C LEU A 481 10.80 30.56 0.10
N LYS A 482 11.13 31.46 -0.84
CA LYS A 482 12.01 32.58 -0.53
C LYS A 482 11.35 33.50 0.48
N ALA A 483 10.02 33.42 0.58
CA ALA A 483 9.26 34.25 1.53
C ALA A 483 9.52 33.77 2.95
N GLU A 484 9.51 32.45 3.13
CA GLU A 484 9.75 31.84 4.44
C GLU A 484 11.19 32.15 4.88
N ALA A 485 12.08 32.26 3.90
CA ALA A 485 13.51 32.55 4.17
C ALA A 485 13.72 34.06 4.32
#